data_8RO8
#
_entry.id   8RO8
#
_cell.length_a   158.550
_cell.length_b   67.069
_cell.length_c   51.629
_cell.angle_alpha   90.00
_cell.angle_beta   92.32
_cell.angle_gamma   90.00
#
_symmetry.space_group_name_H-M   'C 1 2 1'
#
loop_
_entity.id
_entity.type
_entity.pdbx_description
1 polymer 'Structural maintenance of chromosomes protein 1A'
2 polymer '64-kDa C-terminal product'
3 water water
#
loop_
_entity_poly.entity_id
_entity_poly.type
_entity_poly.pdbx_seq_one_letter_code
_entity_poly.pdbx_strand_id
1 'polypeptide(L)'
;MGFLKLIEIENFKSYKGRQIIGPFQRFTAIIGPNGSGKSNLMDAISFVLGEKTSNLRVKTLRDLIHGAPVGKPAANRAFV
SMVYSEEGAEDRTFARVIVGGSSEYKINNKVVQLHEYSEELEKLGILIKARNFLVFQGAVESIAMKNPKERTALFEEISR
SGELAQEYDKRKKEMVKAEEDTQFNYHRKKNIAAERKEAKESSKHPTSLVPRGSDAQAEEEIKQEMNTLQQKLNEQQSVL
QRIAAPNMKAMEKLESVRDKFQETSDEFEAARKRAKKAKQAFEQIKKERFDRFNACFESVATNIDEIYKALSRNSSAQAF
LGPENPEEPYLDGINYNCVAPGKRFRPMDNLSGGEKTVAALALLFAIHSYKPAPFFVLDQIDAALDNTNIGKVANYIKEQ
STCNFQAIVISLKEEFYTKAESLIGVYPEQGDCVISKVLTFDLTKYPDANPNPNEQ
;
A
2 'polypeptide(L)'
;MKRTQQMLHGLQRALAKTGAESISLLELCRNTNRKQAAAKFYSFLVLKKQQAIELTQEEPYSDIIATPGPRFHGSLEVLF
Q
;
B
#
# COMPACT_ATOMS: atom_id res chain seq x y z
N GLY A 2 -0.61 -14.46 7.84
CA GLY A 2 -1.00 -13.85 6.58
C GLY A 2 0.08 -12.94 6.06
N PHE A 3 0.68 -13.28 4.92
CA PHE A 3 1.97 -12.71 4.56
C PHE A 3 2.19 -12.80 3.06
N LEU A 4 2.37 -11.66 2.41
CA LEU A 4 2.84 -11.66 1.02
C LEU A 4 4.33 -11.91 1.08
N LYS A 5 4.75 -13.12 0.71
CA LYS A 5 6.14 -13.50 0.90
C LYS A 5 7.04 -13.01 -0.23
N LEU A 6 6.55 -13.06 -1.47
CA LEU A 6 7.41 -12.95 -2.62
C LEU A 6 6.54 -12.60 -3.82
N ILE A 7 7.05 -11.74 -4.69
CA ILE A 7 6.41 -11.44 -5.96
C ILE A 7 7.37 -11.86 -7.05
N GLU A 8 6.85 -12.55 -8.06
CA GLU A 8 7.63 -12.88 -9.25
C GLU A 8 6.99 -12.19 -10.46
N ILE A 9 7.83 -11.65 -11.34
CA ILE A 9 7.37 -10.84 -12.47
C ILE A 9 8.11 -11.31 -13.72
N GLU A 10 7.42 -11.31 -14.85
CA GLU A 10 8.10 -11.46 -16.13
C GLU A 10 7.47 -10.49 -17.11
N ASN A 11 8.27 -9.53 -17.61
CA ASN A 11 7.86 -8.72 -18.76
C ASN A 11 6.59 -7.94 -18.49
N PHE A 12 6.46 -7.40 -17.28
CA PHE A 12 5.30 -6.62 -16.88
C PHE A 12 5.71 -5.17 -16.72
N LYS A 13 5.09 -4.30 -17.53
CA LYS A 13 5.50 -2.90 -17.65
C LYS A 13 7.02 -2.79 -17.69
N SER A 14 7.62 -1.94 -16.85
CA SER A 14 9.07 -1.75 -16.96
C SER A 14 9.90 -2.92 -16.44
N TYR A 15 9.27 -3.93 -15.80
CA TYR A 15 10.02 -5.07 -15.24
C TYR A 15 10.25 -6.09 -16.35
N LYS A 16 11.25 -5.79 -17.17
CA LYS A 16 11.63 -6.64 -18.29
C LYS A 16 12.27 -7.93 -17.81
N GLY A 17 12.02 -9.00 -18.53
CA GLY A 17 12.60 -10.28 -18.17
C GLY A 17 11.95 -10.80 -16.90
N ARG A 18 12.45 -11.94 -16.43
CA ARG A 18 11.90 -12.59 -15.26
C ARG A 18 12.64 -12.10 -14.01
N GLN A 19 11.91 -11.53 -13.05
CA GLN A 19 12.52 -10.94 -11.87
C GLN A 19 11.84 -11.46 -10.60
N ILE A 20 12.61 -11.61 -9.54
CA ILE A 20 12.08 -11.94 -8.21
C ILE A 20 12.08 -10.66 -7.38
N ILE A 21 10.93 -10.30 -6.84
CA ILE A 21 10.76 -9.10 -6.01
C ILE A 21 10.59 -9.55 -4.57
N GLY A 22 11.51 -9.14 -3.72
CA GLY A 22 11.56 -9.65 -2.36
C GLY A 22 12.61 -10.73 -2.14
N PRO A 23 12.42 -11.62 -1.14
CA PRO A 23 11.28 -11.75 -0.23
C PRO A 23 10.96 -10.50 0.58
N PHE A 24 9.68 -10.36 0.89
CA PHE A 24 9.18 -9.28 1.74
C PHE A 24 9.32 -9.68 3.20
N GLN A 25 9.56 -8.70 4.06
CA GLN A 25 9.56 -8.88 5.49
CA GLN A 25 9.55 -8.90 5.50
C GLN A 25 8.29 -8.25 6.06
N ARG A 26 8.15 -8.29 7.38
CA ARG A 26 6.96 -7.72 7.99
C ARG A 26 6.83 -6.24 7.64
N PHE A 27 7.94 -5.52 7.55
CA PHE A 27 7.98 -4.11 7.18
C PHE A 27 9.06 -3.96 6.11
N THR A 28 8.62 -3.73 4.87
CA THR A 28 9.48 -3.59 3.70
C THR A 28 9.21 -2.26 3.04
N ALA A 29 10.27 -1.55 2.68
CA ALA A 29 10.17 -0.27 1.98
C ALA A 29 10.71 -0.40 0.56
N ILE A 30 9.92 0.07 -0.40
CA ILE A 30 10.31 0.15 -1.79
C ILE A 30 10.83 1.56 -2.02
N ILE A 31 12.09 1.68 -2.46
CA ILE A 31 12.72 2.99 -2.60
C ILE A 31 13.50 3.04 -3.91
N GLY A 32 13.89 4.25 -4.30
CA GLY A 32 14.67 4.41 -5.49
C GLY A 32 14.51 5.78 -6.10
N PRO A 33 15.45 6.18 -6.95
CA PRO A 33 15.40 7.51 -7.56
C PRO A 33 14.22 7.63 -8.52
N ASN A 34 13.89 8.88 -8.84
CA ASN A 34 12.77 9.16 -9.73
C ASN A 34 12.81 8.29 -10.98
N GLY A 35 11.68 7.63 -11.23
CA GLY A 35 11.57 6.69 -12.33
C GLY A 35 10.21 6.01 -12.26
N SER A 36 9.92 5.23 -13.29
CA SER A 36 8.62 4.57 -13.42
C SER A 36 8.52 3.30 -12.58
N GLY A 37 9.63 2.79 -12.05
CA GLY A 37 9.64 1.43 -11.58
C GLY A 37 8.84 1.21 -10.32
N LYS A 38 8.89 2.18 -9.40
CA LYS A 38 8.20 2.00 -8.13
C LYS A 38 6.69 1.93 -8.32
N SER A 39 6.15 2.85 -9.11
CA SER A 39 4.70 2.81 -9.36
C SER A 39 4.32 1.62 -10.24
N ASN A 40 5.22 1.15 -11.10
CA ASN A 40 4.91 -0.07 -11.84
C ASN A 40 4.83 -1.28 -10.91
N LEU A 41 5.60 -1.28 -9.82
CA LEU A 41 5.52 -2.39 -8.89
C LEU A 41 4.20 -2.38 -8.14
N MET A 42 3.69 -1.20 -7.80
CA MET A 42 2.37 -1.12 -7.19
C MET A 42 1.29 -1.63 -8.14
N ASP A 43 1.39 -1.27 -9.43
CA ASP A 43 0.44 -1.79 -10.40
C ASP A 43 0.57 -3.30 -10.55
N ALA A 44 1.81 -3.84 -10.45
CA ALA A 44 1.97 -5.29 -10.46
C ALA A 44 1.17 -5.94 -9.32
N ILE A 45 1.14 -5.32 -8.14
CA ILE A 45 0.42 -5.91 -7.02
C ILE A 45 -1.08 -5.83 -7.25
N SER A 46 -1.57 -4.65 -7.68
CA SER A 46 -2.98 -4.55 -8.05
C SER A 46 -3.32 -5.60 -9.10
N PHE A 47 -2.48 -5.72 -10.11
CA PHE A 47 -2.71 -6.67 -11.21
C PHE A 47 -2.84 -8.10 -10.70
N VAL A 48 -1.89 -8.56 -9.88
CA VAL A 48 -1.94 -9.95 -9.47
C VAL A 48 -3.08 -10.20 -8.48
N LEU A 49 -3.63 -9.16 -7.87
CA LEU A 49 -4.78 -9.33 -6.99
C LEU A 49 -6.09 -9.13 -7.73
N GLY A 50 -6.05 -9.04 -9.05
CA GLY A 50 -7.23 -9.10 -9.87
C GLY A 50 -7.75 -7.79 -10.41
N GLU A 51 -6.99 -6.70 -10.28
CA GLU A 51 -7.48 -5.39 -10.72
C GLU A 51 -7.82 -5.38 -12.21
N LYS A 52 -8.89 -4.68 -12.55
CA LYS A 52 -9.33 -4.50 -13.93
C LYS A 52 -8.31 -3.67 -14.71
N THR A 53 -8.10 -4.07 -15.98
CA THR A 53 -7.25 -3.29 -16.88
C THR A 53 -7.64 -1.81 -16.86
N SER A 54 -8.94 -1.52 -16.92
CA SER A 54 -9.40 -0.13 -16.96
C SER A 54 -9.02 0.65 -15.71
N ASN A 55 -8.60 -0.02 -14.63
CA ASN A 55 -8.12 0.67 -13.45
C ASN A 55 -6.61 0.71 -13.36
N LEU A 56 -5.91 0.23 -14.40
CA LEU A 56 -4.46 0.23 -14.44
C LEU A 56 -3.93 1.23 -15.48
N ARG A 57 -4.75 2.20 -15.88
CA ARG A 57 -4.30 3.32 -16.72
C ARG A 57 -3.63 2.83 -18.00
N VAL A 58 -4.15 1.74 -18.54
CA VAL A 58 -3.84 1.27 -19.88
C VAL A 58 -5.16 0.94 -20.56
N LYS A 59 -5.14 1.01 -21.88
CA LYS A 59 -6.36 0.85 -22.66
C LYS A 59 -6.63 -0.60 -23.01
N THR A 60 -5.58 -1.43 -23.06
CA THR A 60 -5.71 -2.85 -23.35
C THR A 60 -4.85 -3.65 -22.38
N LEU A 61 -5.27 -4.88 -22.12
CA LEU A 61 -4.48 -5.79 -21.28
C LEU A 61 -3.06 -5.96 -21.82
N ARG A 62 -2.92 -6.15 -23.14
CA ARG A 62 -1.61 -6.36 -23.72
C ARG A 62 -0.69 -5.16 -23.53
N ASP A 63 -1.26 -3.97 -23.25
CA ASP A 63 -0.43 -2.80 -22.99
C ASP A 63 0.38 -2.93 -21.70
N LEU A 64 0.09 -3.93 -20.86
CA LEU A 64 0.90 -4.17 -19.68
C LEU A 64 2.16 -4.96 -19.99
N ILE A 65 2.25 -5.58 -21.18
CA ILE A 65 3.47 -6.33 -21.48
C ILE A 65 4.59 -5.34 -21.73
N HIS A 66 5.78 -5.67 -21.22
CA HIS A 66 6.93 -4.78 -21.35
C HIS A 66 7.14 -4.39 -22.80
N GLY A 67 7.25 -3.09 -23.04
CA GLY A 67 7.55 -2.61 -24.37
C GLY A 67 6.35 -2.49 -25.29
N ALA A 68 5.21 -3.09 -24.94
CA ALA A 68 4.02 -2.97 -25.77
C ALA A 68 3.57 -1.53 -25.99
N PRO A 69 3.77 -0.58 -25.06
CA PRO A 69 3.43 0.82 -25.37
C PRO A 69 4.03 1.35 -26.67
N VAL A 70 5.29 1.06 -26.97
CA VAL A 70 5.93 1.59 -28.17
C VAL A 70 5.90 0.55 -29.29
N GLY A 71 4.88 -0.29 -29.29
CA GLY A 71 4.70 -1.23 -30.38
C GLY A 71 5.76 -2.30 -30.51
N LYS A 72 6.49 -2.61 -29.43
CA LYS A 72 7.48 -3.68 -29.43
C LYS A 72 7.34 -4.51 -28.15
N PRO A 73 6.27 -5.28 -28.02
CA PRO A 73 6.12 -6.14 -26.84
C PRO A 73 7.23 -7.18 -26.79
N ALA A 74 7.73 -7.43 -25.57
CA ALA A 74 8.84 -8.36 -25.43
C ALA A 74 8.42 -9.81 -25.65
N ALA A 75 7.14 -10.12 -25.49
CA ALA A 75 6.65 -11.49 -25.65
C ALA A 75 5.15 -11.42 -25.93
N ASN A 76 4.57 -12.56 -26.28
CA ASN A 76 3.12 -12.68 -26.31
C ASN A 76 2.54 -12.97 -24.92
N ARG A 77 3.38 -13.22 -23.93
CA ARG A 77 2.95 -13.52 -22.57
C ARG A 77 3.69 -12.62 -21.57
N ALA A 78 3.05 -12.42 -20.43
CA ALA A 78 3.69 -11.79 -19.29
C ALA A 78 2.94 -12.26 -18.05
N PHE A 79 3.56 -12.12 -16.89
CA PHE A 79 2.83 -12.53 -15.70
C PHE A 79 3.35 -11.79 -14.47
N VAL A 80 2.50 -11.76 -13.46
CA VAL A 80 2.87 -11.45 -12.08
C VAL A 80 2.34 -12.59 -11.23
N SER A 81 3.12 -13.04 -10.27
CA SER A 81 2.65 -14.04 -9.32
C SER A 81 2.98 -13.60 -7.91
N MET A 82 2.19 -14.08 -6.96
CA MET A 82 2.39 -13.77 -5.55
C MET A 82 2.42 -15.09 -4.78
N VAL A 83 3.44 -15.26 -3.96
CA VAL A 83 3.48 -16.36 -3.01
C VAL A 83 2.88 -15.84 -1.71
N TYR A 84 1.78 -16.45 -1.29
CA TYR A 84 1.06 -16.03 -0.09
C TYR A 84 1.19 -17.09 1.00
N SER A 85 1.57 -16.66 2.19
CA SER A 85 1.80 -17.57 3.30
C SER A 85 0.80 -17.28 4.41
N GLU A 86 0.25 -18.35 4.98
CA GLU A 86 -0.69 -18.27 6.08
C GLU A 86 -0.27 -19.24 7.16
N GLU A 87 -0.27 -18.78 8.42
CA GLU A 87 0.12 -19.64 9.53
C GLU A 87 -0.70 -20.93 9.50
N GLY A 88 -0.01 -22.05 9.58
CA GLY A 88 -0.65 -23.35 9.57
C GLY A 88 -0.98 -23.89 8.20
N ALA A 89 -0.69 -23.18 7.12
CA ALA A 89 -0.99 -23.65 5.78
C ALA A 89 0.27 -23.66 4.93
N GLU A 90 0.27 -24.48 3.90
CA GLU A 90 1.35 -24.40 2.94
C GLU A 90 1.21 -23.13 2.10
N ASP A 91 2.33 -22.67 1.55
CA ASP A 91 2.33 -21.51 0.67
C ASP A 91 1.43 -21.76 -0.53
N ARG A 92 0.75 -20.71 -0.98
CA ARG A 92 -0.02 -20.76 -2.22
C ARG A 92 0.43 -19.64 -3.15
N THR A 93 0.59 -19.98 -4.41
CA THR A 93 1.01 -19.01 -5.42
CA THR A 93 1.01 -19.01 -5.42
C THR A 93 -0.19 -18.58 -6.24
N PHE A 94 -0.49 -17.29 -6.22
CA PHE A 94 -1.53 -16.72 -7.07
C PHE A 94 -0.84 -16.06 -8.25
N ALA A 95 -1.15 -16.49 -9.46
CA ALA A 95 -0.49 -15.97 -10.66
C ALA A 95 -1.54 -15.51 -11.66
N ARG A 96 -1.29 -14.36 -12.26
CA ARG A 96 -2.11 -13.86 -13.36
C ARG A 96 -1.19 -13.69 -14.57
N VAL A 97 -1.51 -14.40 -15.64
CA VAL A 97 -0.69 -14.45 -16.84
C VAL A 97 -1.46 -13.77 -17.97
N ILE A 98 -0.79 -12.87 -18.69
CA ILE A 98 -1.35 -12.27 -19.89
C ILE A 98 -0.97 -13.20 -21.06
N VAL A 99 -1.98 -13.75 -21.72
CA VAL A 99 -1.79 -14.66 -22.84
C VAL A 99 -2.52 -14.03 -24.01
N GLY A 100 -1.79 -13.34 -24.87
CA GLY A 100 -2.44 -12.61 -25.94
C GLY A 100 -3.30 -11.53 -25.31
N GLY A 101 -4.58 -11.51 -25.63
CA GLY A 101 -5.49 -10.52 -25.08
C GLY A 101 -6.27 -10.96 -23.85
N SER A 102 -5.99 -12.13 -23.31
CA SER A 102 -6.76 -12.64 -22.17
C SER A 102 -5.86 -12.77 -20.96
N SER A 103 -6.48 -12.71 -19.77
CA SER A 103 -5.80 -13.12 -18.55
C SER A 103 -6.03 -14.59 -18.29
N GLU A 104 -5.02 -15.23 -17.73
CA GLU A 104 -5.13 -16.59 -17.21
C GLU A 104 -4.79 -16.56 -15.74
N TYR A 105 -5.70 -17.03 -14.90
CA TYR A 105 -5.56 -17.01 -13.45
C TYR A 105 -5.21 -18.39 -12.95
N LYS A 106 -4.27 -18.47 -12.02
CA LYS A 106 -3.79 -19.73 -11.50
C LYS A 106 -3.61 -19.64 -10.00
N ILE A 107 -4.01 -20.68 -9.29
CA ILE A 107 -3.65 -20.87 -7.89
C ILE A 107 -2.90 -22.19 -7.83
N ASN A 108 -1.62 -22.13 -7.49
CA ASN A 108 -0.73 -23.29 -7.51
C ASN A 108 -0.86 -24.04 -8.84
N ASN A 109 -0.62 -23.30 -9.92
CA ASN A 109 -0.67 -23.84 -11.29
CA ASN A 109 -0.69 -23.80 -11.31
C ASN A 109 -1.96 -24.59 -11.59
N LYS A 110 -3.04 -24.29 -10.87
CA LYS A 110 -4.37 -24.74 -11.24
C LYS A 110 -5.09 -23.57 -11.89
N VAL A 111 -5.57 -23.77 -13.12
CA VAL A 111 -6.19 -22.69 -13.88
C VAL A 111 -7.62 -22.49 -13.41
N VAL A 112 -7.95 -21.25 -13.02
CA VAL A 112 -9.26 -20.95 -12.49
C VAL A 112 -9.79 -19.70 -13.19
N GLN A 113 -11.10 -19.49 -13.07
CA GLN A 113 -11.68 -18.26 -13.57
C GLN A 113 -11.50 -17.15 -12.54
N LEU A 114 -11.65 -15.90 -13.01
CA LEU A 114 -11.50 -14.75 -12.13
C LEU A 114 -12.39 -14.85 -10.90
N HIS A 115 -13.62 -15.36 -11.09
CA HIS A 115 -14.56 -15.43 -9.97
C HIS A 115 -13.98 -16.25 -8.83
N GLU A 116 -13.43 -17.43 -9.15
CA GLU A 116 -12.84 -18.29 -8.12
C GLU A 116 -11.55 -17.69 -7.59
N TYR A 117 -10.75 -17.07 -8.47
CA TYR A 117 -9.51 -16.41 -8.05
C TYR A 117 -9.81 -15.35 -7.01
N SER A 118 -10.76 -14.46 -7.30
CA SER A 118 -11.10 -13.42 -6.34
CA SER A 118 -11.08 -13.42 -6.33
C SER A 118 -11.77 -14.00 -5.10
N GLU A 119 -12.52 -15.10 -5.25
CA GLU A 119 -13.18 -15.70 -4.09
C GLU A 119 -12.13 -16.18 -3.09
N GLU A 120 -11.05 -16.77 -3.60
CA GLU A 120 -9.98 -17.28 -2.74
C GLU A 120 -9.20 -16.14 -2.10
N LEU A 121 -9.00 -15.04 -2.84
CA LEU A 121 -8.33 -13.89 -2.24
C LEU A 121 -9.21 -13.23 -1.19
N GLU A 122 -10.52 -13.19 -1.44
CA GLU A 122 -11.44 -12.59 -0.49
C GLU A 122 -11.47 -13.38 0.83
N LYS A 123 -11.44 -14.72 0.74
CA LYS A 123 -11.34 -15.53 1.96
C LYS A 123 -10.09 -15.20 2.77
N LEU A 124 -9.08 -14.58 2.16
CA LEU A 124 -7.87 -14.19 2.86
C LEU A 124 -7.95 -12.79 3.42
N GLY A 125 -9.04 -12.07 3.17
CA GLY A 125 -9.13 -10.68 3.52
C GLY A 125 -8.67 -9.70 2.46
N ILE A 126 -8.38 -10.18 1.24
CA ILE A 126 -7.89 -9.32 0.17
C ILE A 126 -9.07 -9.01 -0.74
N LEU A 127 -9.49 -7.75 -0.74
CA LEU A 127 -10.72 -7.32 -1.40
C LEU A 127 -10.38 -6.39 -2.56
N ILE A 128 -10.38 -6.93 -3.78
CA ILE A 128 -9.98 -6.13 -4.93
C ILE A 128 -11.01 -5.05 -5.23
N LYS A 129 -12.28 -5.27 -4.88
CA LYS A 129 -13.27 -4.24 -5.19
C LYS A 129 -13.11 -3.06 -4.24
N ALA A 130 -12.86 -3.32 -2.97
CA ALA A 130 -12.64 -2.28 -1.97
C ALA A 130 -11.21 -1.76 -1.93
N ARG A 131 -10.28 -2.44 -2.60
CA ARG A 131 -8.85 -2.11 -2.52
C ARG A 131 -8.42 -1.86 -1.08
N ASN A 132 -8.82 -2.78 -0.19
CA ASN A 132 -8.50 -2.60 1.22
C ASN A 132 -7.01 -2.76 1.49
N PHE A 133 -6.25 -3.33 0.55
CA PHE A 133 -4.83 -3.61 0.75
C PHE A 133 -3.94 -2.45 0.31
N LEU A 134 -4.51 -1.31 -0.04
CA LEU A 134 -3.80 -0.28 -0.79
C LEU A 134 -4.21 1.09 -0.27
N VAL A 135 -3.23 1.93 0.02
CA VAL A 135 -3.46 3.35 0.28
C VAL A 135 -2.75 4.13 -0.81
N PHE A 136 -3.52 4.78 -1.69
CA PHE A 136 -2.97 5.49 -2.83
C PHE A 136 -2.27 6.78 -2.40
N GLN A 137 -1.49 7.35 -3.31
CA GLN A 137 -0.94 8.69 -3.08
C GLN A 137 -2.07 9.68 -2.85
N GLY A 138 -1.82 10.66 -1.98
CA GLY A 138 -2.81 11.67 -1.70
C GLY A 138 -3.99 11.24 -0.86
N ALA A 139 -4.03 10.00 -0.35
CA ALA A 139 -5.19 9.57 0.42
C ALA A 139 -5.25 10.25 1.79
N VAL A 140 -4.10 10.54 2.39
CA VAL A 140 -4.08 11.25 3.66
C VAL A 140 -4.58 12.68 3.48
N GLU A 141 -4.04 13.38 2.48
CA GLU A 141 -4.46 14.75 2.21
C GLU A 141 -5.92 14.81 1.82
N SER A 142 -6.41 13.79 1.12
CA SER A 142 -7.82 13.76 0.75
C SER A 142 -8.71 13.57 1.97
N ILE A 143 -8.33 12.67 2.89
CA ILE A 143 -9.18 12.41 4.04
C ILE A 143 -9.13 13.58 5.02
N ALA A 144 -8.00 14.30 5.08
CA ALA A 144 -7.88 15.49 5.92
C ALA A 144 -8.80 16.62 5.46
N MET A 145 -9.19 16.64 4.18
CA MET A 145 -10.02 17.71 3.65
C MET A 145 -11.52 17.41 3.74
N LYS A 146 -11.90 16.23 4.21
CA LYS A 146 -13.30 15.85 4.17
C LYS A 146 -14.06 16.50 5.32
N ASN A 147 -15.26 17.00 5.00
CA ASN A 147 -16.12 17.64 5.99
C ASN A 147 -16.99 16.57 6.65
N PRO A 148 -17.70 16.93 7.74
CA PRO A 148 -18.54 15.93 8.42
C PRO A 148 -19.48 15.17 7.50
N LYS A 149 -20.12 15.84 6.55
CA LYS A 149 -21.02 15.14 5.64
C LYS A 149 -20.24 14.32 4.61
N GLU A 150 -19.03 14.74 4.26
CA GLU A 150 -18.25 13.94 3.33
C GLU A 150 -17.78 12.64 3.98
N ARG A 151 -17.56 12.65 5.29
CA ARG A 151 -17.24 11.41 5.98
C ARG A 151 -18.43 10.45 5.96
N THR A 152 -19.64 10.98 6.12
CA THR A 152 -20.83 10.13 6.12
C THR A 152 -20.99 9.41 4.79
N ALA A 153 -20.83 10.12 3.67
CA ALA A 153 -20.90 9.47 2.37
C ALA A 153 -19.81 8.40 2.24
N LEU A 154 -18.62 8.69 2.77
CA LEU A 154 -17.56 7.68 2.81
C LEU A 154 -18.01 6.45 3.58
N PHE A 155 -18.67 6.65 4.71
CA PHE A 155 -19.16 5.52 5.48
C PHE A 155 -20.34 4.84 4.80
N GLU A 156 -21.18 5.60 4.07
CA GLU A 156 -22.28 5.00 3.33
C GLU A 156 -21.78 4.07 2.24
N GLU A 157 -20.66 4.43 1.62
CA GLU A 157 -20.09 3.61 0.56
C GLU A 157 -19.49 2.32 1.12
N ILE A 158 -18.53 2.46 2.05
CA ILE A 158 -17.80 1.32 2.57
C ILE A 158 -18.71 0.31 3.26
N SER A 159 -19.84 0.78 3.81
CA SER A 159 -20.72 -0.11 4.56
C SER A 159 -21.79 -0.77 3.69
N ARG A 160 -21.89 -0.41 2.41
CA ARG A 160 -22.96 -0.87 1.52
C ARG A 160 -24.34 -0.48 2.03
N SER A 161 -24.41 0.51 2.93
CA SER A 161 -25.69 1.10 3.28
C SER A 161 -26.13 2.13 2.24
N GLY A 162 -25.17 2.80 1.60
CA GLY A 162 -25.50 3.76 0.56
C GLY A 162 -26.24 3.16 -0.61
N GLU A 163 -26.12 1.85 -0.82
CA GLU A 163 -26.92 1.17 -1.84
C GLU A 163 -28.35 0.92 -1.39
N LEU A 164 -28.68 1.22 -0.14
CA LEU A 164 -30.05 1.19 0.35
C LEU A 164 -30.69 2.57 0.32
N ALA A 165 -29.96 3.59 -0.14
CA ALA A 165 -30.51 4.95 -0.12
C ALA A 165 -31.69 5.10 -1.07
N GLN A 166 -31.69 4.35 -2.18
CA GLN A 166 -32.81 4.43 -3.12
C GLN A 166 -34.08 3.87 -2.49
N GLU A 167 -34.05 2.60 -2.07
CA GLU A 167 -35.22 2.00 -1.43
C GLU A 167 -35.62 2.73 -0.15
N TYR A 168 -34.70 3.48 0.47
CA TYR A 168 -34.98 4.20 1.70
C TYR A 168 -36.03 5.27 1.48
N ASP A 169 -35.69 6.32 0.73
CA ASP A 169 -36.64 7.41 0.52
C ASP A 169 -37.76 7.04 -0.45
N LYS A 170 -37.63 5.93 -1.18
CA LYS A 170 -38.75 5.45 -1.99
C LYS A 170 -39.85 4.87 -1.11
N ARG A 171 -39.48 4.13 -0.06
CA ARG A 171 -40.50 3.66 0.88
C ARG A 171 -40.96 4.76 1.81
N LYS A 172 -40.17 5.82 1.98
CA LYS A 172 -40.65 7.00 2.69
C LYS A 172 -41.71 7.74 1.89
N LYS A 173 -41.52 7.80 0.56
CA LYS A 173 -42.53 8.37 -0.32
C LYS A 173 -43.86 7.64 -0.15
N GLU A 174 -43.83 6.30 -0.19
CA GLU A 174 -45.04 5.50 0.00
C GLU A 174 -45.62 5.67 1.40
N MET A 175 -44.83 6.16 2.35
CA MET A 175 -45.27 6.32 3.74
C MET A 175 -45.82 7.71 4.04
N VAL A 176 -45.37 8.74 3.30
CA VAL A 176 -45.88 10.08 3.53
C VAL A 176 -47.36 10.18 3.17
N LYS A 177 -47.79 9.45 2.15
CA LYS A 177 -49.20 9.47 1.74
C LYS A 177 -50.09 8.83 2.81
N ALA A 275 -54.44 2.05 5.91
CA ALA A 275 -53.28 1.32 5.44
C ALA A 275 -52.02 1.83 6.12
N LYS A 276 -52.10 2.02 7.45
CA LYS A 276 -50.95 2.39 8.25
C LYS A 276 -49.94 1.25 8.32
N LYS A 277 -49.54 0.74 7.16
CA LYS A 277 -48.61 -0.39 7.08
C LYS A 277 -47.40 -0.11 6.20
N ALA A 278 -47.47 0.84 5.28
CA ALA A 278 -46.26 1.29 4.59
C ALA A 278 -45.27 1.92 5.55
N LYS A 279 -45.72 2.36 6.73
CA LYS A 279 -44.79 2.84 7.74
C LYS A 279 -43.87 1.71 8.21
N GLN A 280 -44.45 0.56 8.55
CA GLN A 280 -43.64 -0.57 8.98
C GLN A 280 -42.73 -1.06 7.86
N ALA A 281 -43.17 -0.92 6.60
CA ALA A 281 -42.30 -1.22 5.48
C ALA A 281 -41.16 -0.21 5.38
N PHE A 282 -41.41 1.04 5.79
CA PHE A 282 -40.36 2.06 5.78
C PHE A 282 -39.41 1.89 6.96
N GLU A 283 -39.95 1.66 8.16
CA GLU A 283 -39.09 1.38 9.31
C GLU A 283 -38.26 0.12 9.08
N GLN A 284 -38.78 -0.82 8.29
CA GLN A 284 -38.02 -2.01 7.92
C GLN A 284 -36.76 -1.63 7.14
N ILE A 285 -36.90 -0.81 6.10
CA ILE A 285 -35.74 -0.44 5.31
C ILE A 285 -34.89 0.60 6.05
N LYS A 286 -35.50 1.37 6.95
CA LYS A 286 -34.73 2.29 7.77
C LYS A 286 -33.78 1.55 8.70
N LYS A 287 -34.27 0.50 9.36
CA LYS A 287 -33.43 -0.26 10.28
C LYS A 287 -32.30 -0.96 9.54
N GLU A 288 -32.55 -1.41 8.31
CA GLU A 288 -31.51 -2.11 7.56
C GLU A 288 -30.39 -1.16 7.16
N ARG A 289 -30.74 0.07 6.78
CA ARG A 289 -29.71 1.05 6.41
C ARG A 289 -28.92 1.49 7.65
N PHE A 290 -29.62 1.73 8.76
CA PHE A 290 -28.97 2.06 10.03
C PHE A 290 -28.03 0.95 10.47
N ASP A 291 -28.46 -0.31 10.37
CA ASP A 291 -27.65 -1.42 10.87
C ASP A 291 -26.42 -1.65 10.02
N ARG A 292 -26.57 -1.65 8.70
CA ARG A 292 -25.40 -1.72 7.82
C ARG A 292 -24.45 -0.57 8.08
N PHE A 293 -24.99 0.63 8.32
CA PHE A 293 -24.14 1.77 8.61
C PHE A 293 -23.36 1.55 9.89
N ASN A 294 -24.03 1.14 10.96
CA ASN A 294 -23.37 1.04 12.26
C ASN A 294 -22.55 -0.22 12.40
N ALA A 295 -22.85 -1.28 11.64
CA ALA A 295 -21.96 -2.44 11.64
C ALA A 295 -20.54 -2.01 11.31
N CYS A 296 -20.39 -1.15 10.30
CA CYS A 296 -19.10 -0.59 9.92
C CYS A 296 -18.68 0.55 10.84
N PHE A 297 -19.54 1.55 11.00
CA PHE A 297 -19.13 2.79 11.67
C PHE A 297 -18.77 2.55 13.13
N GLU A 298 -19.52 1.69 13.84
CA GLU A 298 -19.23 1.47 15.26
C GLU A 298 -17.89 0.79 15.46
N SER A 299 -17.51 -0.09 14.53
CA SER A 299 -16.18 -0.70 14.55
C SER A 299 -15.10 0.36 14.34
N VAL A 300 -15.29 1.22 13.33
CA VAL A 300 -14.32 2.26 13.05
C VAL A 300 -14.20 3.21 14.24
N ALA A 301 -15.34 3.66 14.75
CA ALA A 301 -15.33 4.60 15.87
C ALA A 301 -14.66 3.97 17.10
N THR A 302 -14.86 2.67 17.31
CA THR A 302 -14.25 1.98 18.45
C THR A 302 -12.72 1.96 18.35
N ASN A 303 -12.19 1.76 17.14
CA ASN A 303 -10.75 1.56 16.98
C ASN A 303 -9.97 2.86 16.93
N ILE A 304 -10.58 3.97 16.56
CA ILE A 304 -9.81 5.16 16.19
C ILE A 304 -9.04 5.73 17.37
N ASP A 305 -9.57 5.60 18.58
CA ASP A 305 -8.89 6.17 19.74
C ASP A 305 -7.53 5.53 19.96
N GLU A 306 -7.47 4.20 19.91
CA GLU A 306 -6.21 3.50 20.16
C GLU A 306 -5.22 3.77 19.03
N ILE A 307 -5.72 3.87 17.80
CA ILE A 307 -4.88 4.21 16.66
C ILE A 307 -4.31 5.61 16.82
N TYR A 308 -5.15 6.57 17.21
CA TYR A 308 -4.66 7.94 17.41
C TYR A 308 -3.64 7.99 18.54
N LYS A 309 -3.87 7.20 19.60
CA LYS A 309 -2.93 7.13 20.71
C LYS A 309 -1.58 6.60 20.25
N ALA A 310 -1.59 5.51 19.48
CA ALA A 310 -0.34 4.91 19.05
C ALA A 310 0.39 5.80 18.05
N LEU A 311 -0.36 6.47 17.15
CA LEU A 311 0.26 7.40 16.22
C LEU A 311 0.87 8.60 16.94
N SER A 312 0.20 9.09 17.99
CA SER A 312 0.72 10.21 18.76
C SER A 312 1.82 9.79 19.73
N ARG A 313 1.96 8.49 20.01
CA ARG A 313 2.88 7.97 21.03
C ARG A 313 2.64 8.63 22.38
N ASN A 314 1.37 8.75 22.76
CA ASN A 314 1.00 9.53 23.93
C ASN A 314 -0.37 9.09 24.41
N SER A 315 -0.47 8.69 25.68
CA SER A 315 -1.77 8.32 26.24
C SER A 315 -2.70 9.52 26.35
N SER A 316 -2.14 10.73 26.47
CA SER A 316 -2.94 11.94 26.61
C SER A 316 -3.77 12.25 25.38
N ALA A 317 -3.45 11.66 24.23
CA ALA A 317 -4.24 11.90 23.03
C ALA A 317 -5.49 11.04 23.04
N GLN A 318 -6.55 11.58 22.46
CA GLN A 318 -7.74 10.77 22.24
C GLN A 318 -8.52 11.37 21.09
N ALA A 319 -9.41 10.54 20.53
CA ALA A 319 -10.07 10.83 19.27
C ALA A 319 -11.46 10.22 19.33
N PHE A 320 -12.46 10.97 18.86
CA PHE A 320 -13.85 10.57 19.00
C PHE A 320 -14.56 10.71 17.67
N LEU A 321 -15.25 9.64 17.25
CA LEU A 321 -16.12 9.66 16.09
C LEU A 321 -17.55 9.44 16.56
N GLY A 322 -18.47 10.23 16.00
CA GLY A 322 -19.86 10.13 16.37
C GLY A 322 -20.76 10.85 15.39
N PRO A 323 -21.95 10.31 15.17
CA PRO A 323 -22.85 10.91 14.18
C PRO A 323 -23.58 12.12 14.74
N GLU A 324 -23.76 13.12 13.89
CA GLU A 324 -24.58 14.26 14.27
C GLU A 324 -26.02 13.83 14.52
N ASN A 325 -26.48 12.85 13.77
CA ASN A 325 -27.83 12.30 13.89
C ASN A 325 -27.72 10.87 14.42
N PRO A 326 -27.65 10.67 15.74
CA PRO A 326 -27.51 9.31 16.27
C PRO A 326 -28.61 8.36 15.82
N GLU A 327 -29.84 8.84 15.62
CA GLU A 327 -30.93 7.95 15.25
C GLU A 327 -30.85 7.51 13.79
N GLU A 328 -30.45 8.41 12.89
CA GLU A 328 -30.24 8.09 11.47
C GLU A 328 -28.92 8.69 11.04
N PRO A 329 -27.80 8.02 11.33
CA PRO A 329 -26.48 8.63 11.08
C PRO A 329 -26.27 9.04 9.64
N TYR A 330 -26.77 8.24 8.69
CA TYR A 330 -26.53 8.47 7.27
C TYR A 330 -27.12 9.78 6.77
N LEU A 331 -28.14 10.31 7.44
CA LEU A 331 -28.81 11.52 6.97
C LEU A 331 -27.98 12.78 7.21
N ASP A 332 -27.09 12.78 8.20
CA ASP A 332 -26.29 13.97 8.47
C ASP A 332 -24.82 13.62 8.57
N GLY A 333 -24.00 14.51 9.14
CA GLY A 333 -22.56 14.38 9.07
C GLY A 333 -21.98 13.53 10.20
N ILE A 334 -20.69 13.19 10.04
CA ILE A 334 -19.93 12.49 11.07
C ILE A 334 -18.96 13.47 11.69
N ASN A 335 -19.09 13.69 13.00
CA ASN A 335 -18.20 14.58 13.71
C ASN A 335 -16.91 13.85 14.08
N TYR A 336 -15.79 14.58 14.01
CA TYR A 336 -14.47 14.04 14.34
C TYR A 336 -13.78 15.04 15.26
N ASN A 337 -13.62 14.67 16.52
CA ASN A 337 -12.96 15.53 17.50
C ASN A 337 -11.78 14.80 18.12
N CYS A 338 -10.68 15.51 18.30
CA CYS A 338 -9.48 14.96 18.90
C CYS A 338 -9.05 15.80 20.08
N VAL A 339 -8.47 15.14 21.07
CA VAL A 339 -7.68 15.79 22.11
C VAL A 339 -6.23 15.57 21.68
N ALA A 340 -5.71 16.53 20.92
CA ALA A 340 -4.31 16.48 20.53
C ALA A 340 -3.42 16.63 21.77
N PRO A 341 -2.25 16.00 21.77
CA PRO A 341 -1.34 16.12 22.91
C PRO A 341 -1.05 17.57 23.29
N GLY A 342 -1.30 17.90 24.55
CA GLY A 342 -1.05 19.24 25.04
C GLY A 342 -1.90 20.31 24.39
N LYS A 343 -3.09 19.97 23.93
CA LYS A 343 -3.98 20.91 23.28
C LYS A 343 -5.39 20.67 23.79
N ARG A 344 -6.28 21.63 23.52
CA ARG A 344 -7.65 21.51 23.97
C ARG A 344 -8.43 20.54 23.07
N PHE A 345 -9.58 20.08 23.58
CA PHE A 345 -10.54 19.31 22.80
C PHE A 345 -11.06 20.17 21.65
N ARG A 346 -10.71 19.81 20.43
CA ARG A 346 -11.01 20.63 19.26
C ARG A 346 -11.49 19.74 18.13
N PRO A 347 -12.27 20.28 17.20
CA PRO A 347 -12.61 19.53 15.99
C PRO A 347 -11.37 19.30 15.13
N MET A 348 -11.51 18.40 14.16
CA MET A 348 -10.39 18.11 13.27
C MET A 348 -10.12 19.28 12.34
N ASP A 349 -11.18 19.85 11.76
CA ASP A 349 -11.08 20.93 10.78
C ASP A 349 -10.55 22.23 11.40
N ASN A 350 -10.17 22.19 12.68
CA ASN A 350 -9.53 23.31 13.36
C ASN A 350 -8.16 22.94 13.89
N LEU A 351 -7.64 21.77 13.56
CA LEU A 351 -6.38 21.30 14.13
C LEU A 351 -5.18 21.93 13.41
N SER A 352 -4.08 22.06 14.16
CA SER A 352 -2.85 22.59 13.61
C SER A 352 -2.36 21.71 12.45
N GLY A 353 -1.81 22.36 11.43
CA GLY A 353 -1.41 21.73 10.18
C GLY A 353 -0.76 20.36 10.29
N GLY A 354 0.15 20.20 11.25
CA GLY A 354 0.84 18.94 11.47
C GLY A 354 0.05 17.94 12.29
N GLU A 355 -0.54 18.39 13.40
CA GLU A 355 -1.45 17.52 14.15
C GLU A 355 -2.62 17.08 13.28
N LYS A 356 -3.04 17.92 12.34
CA LYS A 356 -4.16 17.56 11.48
C LYS A 356 -3.86 16.31 10.65
N THR A 357 -2.68 16.27 10.02
CA THR A 357 -2.35 15.08 9.22
C THR A 357 -2.29 13.83 10.09
N VAL A 358 -1.77 13.94 11.31
CA VAL A 358 -1.78 12.80 12.21
C VAL A 358 -3.20 12.33 12.50
N ALA A 359 -4.13 13.28 12.67
CA ALA A 359 -5.51 12.90 12.93
C ALA A 359 -6.18 12.33 11.68
N ALA A 360 -5.90 12.91 10.51
CA ALA A 360 -6.39 12.31 9.27
C ALA A 360 -5.84 10.90 9.09
N LEU A 361 -4.56 10.70 9.42
CA LEU A 361 -3.96 9.38 9.36
C LEU A 361 -4.70 8.40 10.26
N ALA A 362 -5.00 8.83 11.49
CA ALA A 362 -5.74 7.97 12.41
C ALA A 362 -7.10 7.59 11.84
N LEU A 363 -7.79 8.56 11.22
CA LEU A 363 -9.05 8.23 10.58
C LEU A 363 -8.84 7.27 9.42
N LEU A 364 -7.86 7.57 8.55
CA LEU A 364 -7.55 6.67 7.45
C LEU A 364 -7.32 5.25 7.94
N PHE A 365 -6.45 5.09 8.94
CA PHE A 365 -6.15 3.75 9.44
C PHE A 365 -7.38 3.11 10.10
N ALA A 366 -8.14 3.90 10.86
CA ALA A 366 -9.34 3.35 11.50
C ALA A 366 -10.33 2.85 10.46
N ILE A 367 -10.45 3.55 9.33
CA ILE A 367 -11.37 3.09 8.31
C ILE A 367 -10.87 1.79 7.68
N HIS A 368 -9.55 1.67 7.48
CA HIS A 368 -9.04 0.41 6.96
CA HIS A 368 -9.00 0.42 6.98
C HIS A 368 -9.10 -0.70 8.01
N SER A 369 -9.14 -0.35 9.29
CA SER A 369 -9.29 -1.38 10.32
C SER A 369 -10.63 -2.09 10.21
N TYR A 370 -11.59 -1.52 9.47
CA TYR A 370 -12.91 -2.12 9.38
C TYR A 370 -12.88 -3.43 8.61
N LYS A 371 -12.32 -3.41 7.40
CA LYS A 371 -12.13 -4.60 6.58
C LYS A 371 -10.64 -4.72 6.24
N PRO A 372 -9.80 -5.01 7.23
CA PRO A 372 -8.36 -4.92 6.98
C PRO A 372 -7.86 -6.04 6.08
N ALA A 373 -6.85 -5.70 5.28
CA ALA A 373 -6.11 -6.71 4.55
C ALA A 373 -4.96 -7.22 5.40
N PRO A 374 -4.44 -8.42 5.12
CA PRO A 374 -3.28 -8.91 5.87
C PRO A 374 -2.00 -8.17 5.54
N PHE A 375 -1.93 -7.49 4.39
CA PHE A 375 -0.82 -6.63 4.06
C PHE A 375 -1.36 -5.31 3.55
N PHE A 376 -0.57 -4.27 3.72
CA PHE A 376 -0.97 -2.90 3.47
C PHE A 376 0.10 -2.27 2.58
N VAL A 377 -0.24 -1.94 1.33
CA VAL A 377 0.68 -1.26 0.44
C VAL A 377 0.43 0.23 0.56
N LEU A 378 1.37 0.96 1.14
CA LEU A 378 1.23 2.39 1.39
C LEU A 378 2.09 3.14 0.38
N ASP A 379 1.45 3.82 -0.56
CA ASP A 379 2.16 4.51 -1.64
C ASP A 379 2.38 5.96 -1.21
N GLN A 380 3.57 6.25 -0.69
CA GLN A 380 3.95 7.61 -0.29
C GLN A 380 2.98 8.15 0.76
N ILE A 381 2.65 7.31 1.73
CA ILE A 381 1.79 7.78 2.82
C ILE A 381 2.51 8.78 3.70
N ASP A 382 3.83 8.93 3.50
CA ASP A 382 4.62 9.90 4.26
C ASP A 382 4.85 11.20 3.51
N ALA A 383 4.22 11.37 2.34
CA ALA A 383 4.41 12.61 1.58
C ALA A 383 3.91 13.83 2.36
N ALA A 384 2.76 13.70 3.02
CA ALA A 384 2.17 14.79 3.78
C ALA A 384 2.76 14.94 5.18
N LEU A 385 3.76 14.13 5.52
CA LEU A 385 4.43 14.23 6.80
C LEU A 385 5.60 15.20 6.73
N ASP A 386 6.04 15.64 7.90
CA ASP A 386 7.18 16.53 8.07
C ASP A 386 7.94 16.03 9.29
N ASN A 387 8.97 16.76 9.69
CA ASN A 387 9.82 16.28 10.79
C ASN A 387 9.11 16.29 12.13
N THR A 388 7.92 16.89 12.22
CA THR A 388 7.14 16.81 13.46
C THR A 388 6.69 15.39 13.73
N ASN A 389 6.23 14.70 12.68
CA ASN A 389 5.46 13.48 12.85
C ASN A 389 5.99 12.30 12.04
N ILE A 390 7.07 12.47 11.29
CA ILE A 390 7.51 11.42 10.37
C ILE A 390 7.96 10.18 11.15
N GLY A 391 8.80 10.38 12.16
CA GLY A 391 9.30 9.25 12.93
C GLY A 391 8.22 8.57 13.74
N LYS A 392 7.29 9.37 14.28
CA LYS A 392 6.17 8.79 15.01
C LYS A 392 5.35 7.87 14.12
N VAL A 393 5.00 8.33 12.93
CA VAL A 393 4.21 7.49 12.04
C VAL A 393 5.02 6.29 11.57
N ALA A 394 6.32 6.50 11.27
CA ALA A 394 7.15 5.38 10.87
C ALA A 394 7.21 4.32 11.96
N ASN A 395 7.33 4.72 13.22
CA ASN A 395 7.39 3.74 14.29
C ASN A 395 6.03 3.09 14.53
N TYR A 396 4.95 3.81 14.27
CA TYR A 396 3.62 3.20 14.34
C TYR A 396 3.51 2.07 13.33
N ILE A 397 3.87 2.34 12.08
CA ILE A 397 3.93 1.30 11.05
C ILE A 397 4.80 0.16 11.52
N LYS A 398 5.98 0.49 12.05
CA LYS A 398 6.90 -0.53 12.54
C LYS A 398 6.24 -1.39 13.60
N GLU A 399 5.64 -0.76 14.63
CA GLU A 399 4.94 -1.51 15.67
C GLU A 399 3.80 -2.34 15.09
N GLN A 400 2.94 -1.74 14.25
CA GLN A 400 1.84 -2.48 13.64
C GLN A 400 2.34 -3.65 12.80
N SER A 401 3.54 -3.53 12.21
CA SER A 401 3.98 -4.55 11.26
C SER A 401 4.25 -5.88 11.96
N THR A 402 4.56 -5.84 13.26
CA THR A 402 4.90 -7.07 13.96
C THR A 402 3.67 -7.94 14.19
N CYS A 403 2.52 -7.32 14.41
CA CYS A 403 1.31 -8.05 14.82
C CYS A 403 0.15 -7.91 13.85
N ASN A 404 -0.24 -6.70 13.47
CA ASN A 404 -1.54 -6.46 12.86
C ASN A 404 -1.57 -6.50 11.34
N PHE A 405 -0.52 -6.02 10.66
CA PHE A 405 -0.52 -6.15 9.21
C PHE A 405 0.92 -6.06 8.70
N GLN A 406 1.18 -6.80 7.62
CA GLN A 406 2.44 -6.63 6.90
C GLN A 406 2.42 -5.28 6.19
N ALA A 407 3.48 -4.49 6.39
CA ALA A 407 3.58 -3.16 5.79
C ALA A 407 4.55 -3.18 4.61
N ILE A 408 4.04 -2.81 3.43
CA ILE A 408 4.86 -2.58 2.24
C ILE A 408 4.68 -1.11 1.86
N VAL A 409 5.72 -0.30 2.06
CA VAL A 409 5.60 1.14 1.84
C VAL A 409 6.50 1.55 0.69
N ILE A 410 5.98 2.44 -0.15
CA ILE A 410 6.75 3.14 -1.16
C ILE A 410 7.02 4.53 -0.61
N SER A 411 8.30 4.85 -0.42
CA SER A 411 8.66 6.07 0.31
C SER A 411 9.85 6.75 -0.34
N LEU A 412 9.79 8.09 -0.38
CA LEU A 412 10.90 8.91 -0.82
C LEU A 412 11.71 9.49 0.32
N LYS A 413 11.27 9.30 1.56
CA LYS A 413 11.83 9.99 2.71
C LYS A 413 12.57 9.01 3.59
N GLU A 414 13.87 9.25 3.77
CA GLU A 414 14.71 8.33 4.53
C GLU A 414 14.27 8.21 5.98
N GLU A 415 13.78 9.31 6.57
CA GLU A 415 13.36 9.25 7.96
C GLU A 415 12.24 8.24 8.17
N PHE A 416 11.46 7.99 7.11
CA PHE A 416 10.41 6.99 7.12
C PHE A 416 10.95 5.60 6.79
N TYR A 417 11.61 5.45 5.64
CA TYR A 417 11.89 4.08 5.20
C TYR A 417 13.06 3.43 5.94
N THR A 418 13.89 4.18 6.67
CA THR A 418 14.95 3.53 7.43
C THR A 418 14.44 2.81 8.66
N LYS A 419 13.13 2.79 8.91
CA LYS A 419 12.54 1.99 9.97
C LYS A 419 12.08 0.62 9.51
N ALA A 420 12.13 0.35 8.20
CA ALA A 420 11.74 -0.94 7.68
C ALA A 420 12.80 -2.01 7.98
N GLU A 421 12.37 -3.27 7.96
CA GLU A 421 13.34 -4.35 8.11
C GLU A 421 14.11 -4.57 6.82
N SER A 422 13.47 -4.32 5.67
CA SER A 422 14.01 -4.60 4.36
C SER A 422 13.84 -3.38 3.46
N LEU A 423 14.79 -3.21 2.54
CA LEU A 423 14.66 -2.25 1.45
C LEU A 423 14.68 -3.02 0.14
N ILE A 424 13.70 -2.75 -0.72
CA ILE A 424 13.72 -3.17 -2.10
C ILE A 424 14.05 -1.90 -2.90
N GLY A 425 15.27 -1.83 -3.41
CA GLY A 425 15.70 -0.68 -4.19
C GLY A 425 15.41 -0.88 -5.65
N VAL A 426 14.78 0.11 -6.27
CA VAL A 426 14.46 0.05 -7.69
C VAL A 426 15.40 0.97 -8.46
N TYR A 427 16.03 0.46 -9.50
CA TYR A 427 16.94 1.27 -10.30
C TYR A 427 16.65 1.04 -11.77
N PRO A 428 16.99 2.01 -12.62
CA PRO A 428 16.75 1.86 -14.05
C PRO A 428 17.96 1.30 -14.79
N GLU A 429 17.65 0.54 -15.84
CA GLU A 429 18.61 0.12 -16.85
C GLU A 429 18.37 0.93 -18.12
N GLN A 430 19.45 1.25 -18.81
CA GLN A 430 19.30 1.87 -20.13
C GLN A 430 18.81 0.85 -21.14
N GLY A 431 17.86 1.26 -21.96
CA GLY A 431 17.35 0.37 -22.99
C GLY A 431 16.38 1.07 -23.90
N ASP A 432 15.77 0.27 -24.78
CA ASP A 432 14.79 0.81 -25.74
C ASP A 432 13.68 1.56 -25.01
N CYS A 433 13.08 0.92 -24.01
CA CYS A 433 12.11 1.53 -23.13
C CYS A 433 12.66 1.57 -21.72
N VAL A 434 11.91 2.21 -20.81
CA VAL A 434 12.28 2.18 -19.40
C VAL A 434 12.33 0.74 -18.92
N ILE A 435 13.44 0.36 -18.29
CA ILE A 435 13.61 -0.96 -17.70
C ILE A 435 13.87 -0.79 -16.22
N SER A 436 13.12 -1.52 -15.39
CA SER A 436 13.30 -1.51 -13.95
C SER A 436 13.87 -2.85 -13.48
N LYS A 437 14.82 -2.76 -12.54
CA LYS A 437 15.34 -3.92 -11.83
C LYS A 437 15.42 -3.55 -10.36
N VAL A 438 15.62 -4.56 -9.49
CA VAL A 438 15.57 -4.34 -8.06
C VAL A 438 16.76 -4.98 -7.37
N LEU A 439 17.11 -4.40 -6.22
CA LEU A 439 18.04 -4.94 -5.25
C LEU A 439 17.33 -5.08 -3.92
N THR A 440 17.79 -6.00 -3.08
CA THR A 440 17.27 -6.19 -1.74
C THR A 440 18.37 -5.94 -0.73
N PHE A 441 17.99 -5.26 0.36
CA PHE A 441 18.94 -4.85 1.38
C PHE A 441 18.32 -5.07 2.74
N ASP A 442 19.07 -5.72 3.63
CA ASP A 442 18.60 -6.11 4.95
C ASP A 442 19.10 -5.07 5.94
N LEU A 443 18.19 -4.19 6.38
CA LEU A 443 18.57 -3.13 7.30
CA LEU A 443 18.57 -3.13 7.30
C LEU A 443 18.72 -3.62 8.74
N THR A 444 18.14 -4.76 9.09
CA THR A 444 18.19 -5.21 10.50
C THR A 444 19.61 -5.49 10.97
N LYS A 445 20.59 -5.54 10.08
CA LYS A 445 21.98 -5.82 10.43
C LYS A 445 22.71 -4.63 11.02
N TYR A 446 22.07 -3.48 11.15
CA TYR A 446 22.77 -2.26 11.54
C TYR A 446 22.07 -1.62 12.73
N PRO A 447 22.84 -1.09 13.68
CA PRO A 447 22.27 -0.46 14.87
C PRO A 447 21.46 0.78 14.55
N ASP A 448 20.82 1.35 15.57
CA ASP A 448 19.81 2.42 15.47
C ASP A 448 18.51 1.88 14.90
N GLY B 19 39.85 -9.22 -13.02
CA GLY B 19 38.83 -8.41 -13.67
C GLY B 19 38.89 -6.95 -13.29
N ALA B 20 37.77 -6.24 -13.44
CA ALA B 20 37.72 -4.82 -13.13
C ALA B 20 37.59 -4.62 -11.62
N GLU B 21 37.73 -3.36 -11.21
CA GLU B 21 37.58 -3.00 -9.81
C GLU B 21 36.15 -3.28 -9.35
N SER B 22 36.00 -3.76 -8.11
CA SER B 22 34.68 -4.08 -7.60
C SER B 22 34.59 -3.69 -6.14
N ILE B 23 33.45 -3.09 -5.77
CA ILE B 23 33.19 -2.64 -4.40
C ILE B 23 32.01 -3.44 -3.84
N SER B 24 32.17 -3.94 -2.61
CA SER B 24 31.13 -4.70 -1.94
C SER B 24 30.32 -3.75 -1.05
N LEU B 25 29.00 -3.71 -1.28
CA LEU B 25 28.16 -2.85 -0.46
C LEU B 25 28.15 -3.32 1.00
N LEU B 26 28.11 -4.63 1.23
CA LEU B 26 28.07 -5.08 2.61
C LEU B 26 29.37 -4.74 3.33
N GLU B 27 30.50 -4.78 2.62
CA GLU B 27 31.76 -4.35 3.23
C GLU B 27 31.75 -2.84 3.48
N LEU B 28 31.21 -2.07 2.53
CA LEU B 28 31.10 -0.62 2.72
C LEU B 28 30.30 -0.26 3.97
N CYS B 29 29.36 -1.12 4.37
CA CYS B 29 28.42 -0.82 5.43
C CYS B 29 28.87 -1.33 6.80
N ARG B 30 30.03 -1.97 6.90
CA ARG B 30 30.55 -2.35 8.20
C ARG B 30 30.63 -1.12 9.10
N ASN B 31 30.18 -1.27 10.34
CA ASN B 31 30.22 -0.24 11.37
C ASN B 31 29.32 0.95 11.06
N THR B 32 28.41 0.84 10.09
CA THR B 32 27.44 1.90 9.89
C THR B 32 26.16 1.61 10.68
N ASN B 33 25.40 2.68 10.94
CA ASN B 33 24.07 2.53 11.50
C ASN B 33 23.06 2.37 10.36
N ARG B 34 21.78 2.22 10.73
CA ARG B 34 20.75 1.99 9.73
C ARG B 34 20.66 3.13 8.72
N LYS B 35 20.73 4.37 9.20
CA LYS B 35 20.59 5.51 8.29
C LYS B 35 21.77 5.58 7.32
N GLN B 36 23.00 5.40 7.81
CA GLN B 36 24.15 5.44 6.93
C GLN B 36 24.16 4.26 5.97
N ALA B 37 23.76 3.08 6.45
CA ALA B 37 23.71 1.89 5.61
C ALA B 37 22.65 2.05 4.52
N ALA B 38 21.50 2.58 4.88
CA ALA B 38 20.47 2.84 3.88
C ALA B 38 20.97 3.87 2.87
N ALA B 39 21.74 4.85 3.32
CA ALA B 39 22.21 5.90 2.41
C ALA B 39 23.23 5.35 1.42
N LYS B 40 24.03 4.38 1.83
CA LYS B 40 24.96 3.75 0.89
C LYS B 40 24.22 2.88 -0.10
N PHE B 41 23.22 2.13 0.37
CA PHE B 41 22.40 1.34 -0.53
C PHE B 41 21.69 2.23 -1.55
N TYR B 42 21.17 3.36 -1.11
CA TYR B 42 20.50 4.28 -2.02
C TYR B 42 21.50 4.87 -3.03
N SER B 43 22.72 5.17 -2.58
CA SER B 43 23.73 5.70 -3.49
C SER B 43 24.05 4.71 -4.62
N PHE B 44 24.00 3.41 -4.35
CA PHE B 44 24.17 2.45 -5.44
C PHE B 44 23.07 2.61 -6.49
N LEU B 45 21.82 2.80 -6.06
CA LEU B 45 20.73 3.02 -7.01
C LEU B 45 20.95 4.28 -7.83
N VAL B 46 21.33 5.37 -7.17
CA VAL B 46 21.55 6.64 -7.86
C VAL B 46 22.73 6.53 -8.83
N LEU B 47 23.85 5.97 -8.36
CA LEU B 47 25.03 5.87 -9.21
C LEU B 47 24.78 4.92 -10.38
N LYS B 48 23.93 3.90 -10.19
CA LYS B 48 23.56 3.04 -11.31
C LYS B 48 22.68 3.78 -12.31
N LYS B 49 21.78 4.63 -11.82
CA LYS B 49 20.95 5.44 -12.69
C LYS B 49 21.79 6.40 -13.50
N GLN B 50 22.82 6.98 -12.87
CA GLN B 50 23.75 7.88 -13.54
C GLN B 50 24.77 7.14 -14.40
N GLN B 51 24.71 5.81 -14.41
CA GLN B 51 25.63 4.97 -15.17
C GLN B 51 27.07 5.12 -14.69
N ALA B 52 27.27 5.57 -13.47
CA ALA B 52 28.62 5.65 -12.91
C ALA B 52 29.13 4.29 -12.46
N ILE B 53 28.24 3.31 -12.25
CA ILE B 53 28.62 1.98 -11.82
C ILE B 53 27.70 0.98 -12.52
N GLU B 54 28.08 -0.29 -12.46
CA GLU B 54 27.16 -1.39 -12.73
C GLU B 54 26.97 -2.21 -11.47
N LEU B 55 25.81 -2.85 -11.35
CA LEU B 55 25.40 -3.56 -10.13
C LEU B 55 25.20 -5.03 -10.43
N THR B 56 25.58 -5.87 -9.47
CA THR B 56 25.27 -7.29 -9.49
C THR B 56 24.85 -7.74 -8.10
N GLN B 57 23.71 -8.43 -8.01
CA GLN B 57 23.30 -9.11 -6.78
C GLN B 57 22.89 -10.52 -7.16
N GLU B 58 23.49 -11.53 -6.51
CA GLU B 58 23.31 -12.91 -6.93
C GLU B 58 21.96 -13.49 -6.50
N GLU B 59 21.58 -13.31 -5.24
CA GLU B 59 20.38 -13.86 -4.63
C GLU B 59 19.80 -12.76 -3.77
N PRO B 60 18.50 -12.81 -3.46
CA PRO B 60 17.92 -11.77 -2.59
C PRO B 60 18.67 -11.72 -1.27
N TYR B 61 19.02 -10.49 -0.87
CA TYR B 61 19.76 -10.18 0.35
C TYR B 61 21.18 -10.74 0.34
N SER B 62 21.72 -11.12 -0.83
CA SER B 62 23.15 -11.36 -0.87
C SER B 62 23.87 -10.03 -1.04
N ASP B 63 25.21 -10.07 -1.07
CA ASP B 63 25.99 -8.86 -1.25
C ASP B 63 25.66 -8.22 -2.59
N ILE B 64 25.79 -6.90 -2.65
CA ILE B 64 25.62 -6.12 -3.88
C ILE B 64 26.99 -5.58 -4.27
N ILE B 65 27.45 -5.93 -5.48
CA ILE B 65 28.79 -5.60 -5.96
C ILE B 65 28.70 -4.51 -7.03
N ALA B 66 29.38 -3.39 -6.82
CA ALA B 66 29.47 -2.34 -7.82
C ALA B 66 30.77 -2.48 -8.63
N THR B 67 30.66 -2.36 -9.93
CA THR B 67 31.79 -2.36 -10.86
C THR B 67 31.65 -1.13 -11.73
N PRO B 68 32.69 -0.75 -12.49
CA PRO B 68 32.65 0.50 -13.23
C PRO B 68 31.53 0.60 -14.26
N GLY B 69 31.02 1.80 -14.45
CA GLY B 69 30.08 2.09 -15.50
C GLY B 69 30.69 3.10 -16.46
N PRO B 70 30.00 3.36 -17.58
CA PRO B 70 30.61 4.19 -18.64
C PRO B 70 30.60 5.69 -18.35
N ARG B 71 29.98 6.15 -17.27
CA ARG B 71 29.98 7.58 -16.99
C ARG B 71 30.77 7.91 -15.74
N PHE B 72 31.73 7.06 -15.38
CA PHE B 72 32.67 7.39 -14.33
C PHE B 72 33.93 6.55 -14.54
N HIS B 73 35.08 7.21 -14.54
CA HIS B 73 36.33 6.52 -14.83
C HIS B 73 37.35 6.68 -13.71
N GLY B 74 36.93 7.18 -12.55
CA GLY B 74 37.80 7.28 -11.40
C GLY B 74 37.80 6.02 -10.56
N SER B 75 38.39 6.15 -9.37
CA SER B 75 38.49 5.02 -8.45
C SER B 75 37.14 4.80 -7.77
N LEU B 76 36.61 3.59 -7.88
CA LEU B 76 35.38 3.26 -7.15
C LEU B 76 35.62 3.34 -5.65
N GLU B 77 36.79 2.90 -5.18
CA GLU B 77 37.08 3.00 -3.75
C GLU B 77 36.99 4.45 -3.28
N VAL B 78 37.52 5.37 -4.07
CA VAL B 78 37.45 6.79 -3.73
C VAL B 78 36.02 7.29 -3.87
N LEU B 79 35.30 6.80 -4.89
CA LEU B 79 33.93 7.24 -5.11
C LEU B 79 33.05 6.95 -3.89
N PHE B 80 33.28 5.83 -3.21
CA PHE B 80 32.42 5.41 -2.11
C PHE B 80 33.02 5.70 -0.73
N GLN B 81 34.15 6.40 -0.66
CA GLN B 81 34.74 6.76 0.63
C GLN B 81 33.81 7.63 1.47
#